data_5PHB
#
_entry.id   5PHB
#
_cell.length_a   71.480
_cell.length_b   71.480
_cell.length_c   150.217
_cell.angle_alpha   90.000
_cell.angle_beta   90.000
_cell.angle_gamma   90.000
#
_symmetry.space_group_name_H-M   'P 43 21 2'
#
loop_
_entity.id
_entity.type
_entity.pdbx_description
1 polymer 'Lysine-specific demethylase 4D'
2 non-polymer 'ZINC ION'
3 non-polymer 'NICKEL (II) ION'
4 non-polymer N-OXALYLGLYCINE
5 non-polymer 1,2-ETHANEDIOL
6 non-polymer 'SULFATE ION'
7 non-polymer 6-azanyl-3,4-dihydro-2~{H}-naphthalen-1-one
8 water water
#
_entity_poly.entity_id   1
_entity_poly.type   'polypeptide(L)'
_entity_poly.pdbx_seq_one_letter_code
;MHHHHHHSSGVDLGTENLYFQSMETMKSKANCAQNPNCNIMIFHPTKEEFNDFDKYIAYMESQGAHRAGLAKIIPPKEWK
ARETYDNISEILIATPLQQVASGRAGVFTQYHKKKKAMTVGEYRHLANSKKYQTPPHQNFEDLERKYWKNRIYNSPIYGA
DISGSLFDENTKQWNLGHLGTIQDLLEKECGVVIEGVNTPYLYFGMWKTTFAWHTEDMDLYSINYLHLGEPKTWYVVPPE
HGQRLERLARELFPGSSRGCGAFLRHKVALISPTVLKENGIPFNRITQEAGEFMVTFPYGYHAGFNHGFNCAEAINFATP
RWIDYGKMASQCSCGEARVTFSMDAFVRILQPERYDLWKRGQDR
;
_entity_poly.pdbx_strand_id   A
#
# COMPACT_ATOMS: atom_id res chain seq x y z
N ALA A 33 -24.78 8.11 -11.12
CA ALA A 33 -23.60 7.47 -10.52
C ALA A 33 -22.88 8.39 -9.54
N GLN A 34 -22.55 7.87 -8.37
CA GLN A 34 -21.90 8.66 -7.34
C GLN A 34 -20.42 8.88 -7.65
N ASN A 35 -19.93 10.07 -7.36
CA ASN A 35 -18.52 10.42 -7.55
C ASN A 35 -17.99 10.13 -8.96
N PRO A 36 -18.68 10.65 -10.00
CA PRO A 36 -18.29 10.31 -11.37
C PRO A 36 -16.90 10.81 -11.77
N ASN A 37 -16.41 11.88 -11.13
CA ASN A 37 -15.08 12.39 -11.43
C ASN A 37 -13.99 11.62 -10.68
N CYS A 38 -14.38 10.66 -9.84
CA CYS A 38 -13.42 9.78 -9.16
C CYS A 38 -12.50 10.54 -8.21
N ASN A 39 -13.07 11.53 -7.52
CA ASN A 39 -12.32 12.27 -6.51
C ASN A 39 -12.08 11.45 -5.26
N ILE A 40 -10.94 11.68 -4.61
CA ILE A 40 -10.69 11.09 -3.31
C ILE A 40 -11.65 11.70 -2.29
N MET A 41 -12.42 10.85 -1.63
CA MET A 41 -13.36 11.32 -0.62
C MET A 41 -12.81 11.14 0.78
N ILE A 42 -13.22 12.04 1.68
CA ILE A 42 -12.78 12.04 3.07
C ILE A 42 -14.02 11.86 3.94
N PHE A 43 -13.94 10.91 4.87
CA PHE A 43 -15.08 10.56 5.72
C PHE A 43 -14.80 10.84 7.18
N HIS A 44 -15.84 11.28 7.89
CA HIS A 44 -15.77 11.58 9.32
C HIS A 44 -16.83 10.79 10.07
N PRO A 45 -16.64 9.47 10.21
CA PRO A 45 -17.63 8.65 10.93
C PRO A 45 -17.80 9.07 12.38
N THR A 46 -19.04 8.99 12.86
CA THR A 46 -19.30 9.16 14.28
C THR A 46 -18.84 7.90 15.03
N LYS A 47 -18.79 7.98 16.34
CA LYS A 47 -18.39 6.82 17.12
C LYS A 47 -19.35 5.65 16.91
N GLU A 48 -20.63 5.94 16.74
CA GLU A 48 -21.61 4.88 16.45
C GLU A 48 -21.33 4.25 15.08
N GLU A 49 -21.03 5.09 14.10
CA GLU A 49 -20.74 4.61 12.76
C GLU A 49 -19.43 3.83 12.67
N PHE A 50 -18.58 3.99 13.67
CA PHE A 50 -17.25 3.38 13.69
C PHE A 50 -17.28 1.97 14.28
N ASN A 51 -18.46 1.51 14.68
CA ASN A 51 -18.57 0.19 15.30
C ASN A 51 -18.45 -0.96 14.29
N ASP A 52 -19.18 -0.85 13.19
CA ASP A 52 -19.30 -1.92 12.22
C ASP A 52 -18.46 -1.61 10.99
N PHE A 53 -17.28 -2.22 10.93
CA PHE A 53 -16.32 -1.94 9.88
C PHE A 53 -16.87 -2.23 8.48
N ASP A 54 -17.38 -3.45 8.28
N ASP A 54 -17.40 -3.43 8.30
CA ASP A 54 -17.91 -3.84 6.98
CA ASP A 54 -17.88 -3.81 6.97
C ASP A 54 -18.99 -2.86 6.52
C ASP A 54 -19.06 -2.96 6.49
N LYS A 55 -19.88 -2.51 7.43
CA LYS A 55 -21.02 -1.65 7.11
C LYS A 55 -20.51 -0.29 6.64
N TYR A 56 -19.46 0.22 7.27
CA TYR A 56 -18.97 1.54 6.88
C TYR A 56 -18.25 1.50 5.53
N ILE A 57 -17.49 0.44 5.26
CA ILE A 57 -16.90 0.32 3.94
C ILE A 57 -18.01 0.31 2.88
N ALA A 58 -19.07 -0.46 3.11
CA ALA A 58 -20.18 -0.50 2.17
C ALA A 58 -20.81 0.90 2.02
N TYR A 59 -20.94 1.62 3.13
CA TYR A 59 -21.47 2.98 3.07
C TYR A 59 -20.59 3.88 2.20
N MET A 60 -19.28 3.83 2.40
N MET A 60 -19.29 3.84 2.40
CA MET A 60 -18.38 4.65 1.61
CA MET A 60 -18.39 4.67 1.61
C MET A 60 -18.55 4.37 0.13
C MET A 60 -18.58 4.37 0.13
N GLU A 61 -18.69 3.10 -0.21
CA GLU A 61 -18.88 2.71 -1.61
C GLU A 61 -20.23 3.18 -2.15
N SER A 62 -21.26 3.19 -1.31
CA SER A 62 -22.57 3.69 -1.72
C SER A 62 -22.48 5.17 -2.12
N GLN A 63 -21.46 5.86 -1.59
CA GLN A 63 -21.24 7.27 -1.92
C GLN A 63 -20.23 7.45 -3.04
N GLY A 64 -19.76 6.34 -3.61
CA GLY A 64 -18.84 6.38 -4.73
C GLY A 64 -17.37 6.47 -4.38
N ALA A 65 -17.03 6.23 -3.12
CA ALA A 65 -15.64 6.42 -2.68
C ALA A 65 -14.67 5.55 -3.48
N HIS A 66 -15.08 4.33 -3.81
CA HIS A 66 -14.18 3.40 -4.48
C HIS A 66 -13.77 3.87 -5.87
N ARG A 67 -14.54 4.76 -6.48
CA ARG A 67 -14.21 5.18 -7.83
C ARG A 67 -12.85 5.88 -7.88
N ALA A 68 -12.44 6.51 -6.78
CA ALA A 68 -11.14 7.17 -6.70
C ALA A 68 -10.00 6.18 -6.60
N GLY A 69 -10.25 5.01 -6.02
CA GLY A 69 -9.20 4.06 -5.71
C GLY A 69 -8.65 4.20 -4.30
N LEU A 70 -8.96 5.30 -3.63
CA LEU A 70 -8.41 5.63 -2.33
C LEU A 70 -9.40 6.52 -1.59
N ALA A 71 -9.58 6.29 -0.29
CA ALA A 71 -10.39 7.17 0.56
C ALA A 71 -9.65 7.44 1.86
N LYS A 72 -9.91 8.61 2.45
CA LYS A 72 -9.41 8.91 3.79
C LYS A 72 -10.55 8.79 4.80
N ILE A 73 -10.25 8.19 5.95
CA ILE A 73 -11.20 8.11 7.04
C ILE A 73 -10.59 8.72 8.30
N ILE A 74 -11.22 9.77 8.80
CA ILE A 74 -10.77 10.42 10.01
C ILE A 74 -11.59 9.84 11.18
N PRO A 75 -10.92 9.18 12.14
CA PRO A 75 -11.68 8.53 13.22
C PRO A 75 -12.39 9.55 14.10
N PRO A 76 -13.47 9.13 14.75
CA PRO A 76 -14.15 10.04 15.68
C PRO A 76 -13.20 10.47 16.80
N LYS A 77 -13.46 11.65 17.34
CA LYS A 77 -12.57 12.24 18.34
C LYS A 77 -12.45 11.39 19.60
N GLU A 78 -13.43 10.54 19.85
CA GLU A 78 -13.45 9.70 21.05
C GLU A 78 -12.53 8.48 20.93
N TRP A 79 -12.04 8.22 19.72
CA TRP A 79 -11.31 6.99 19.44
C TRP A 79 -9.81 7.16 19.57
N LYS A 80 -9.13 6.10 19.97
CA LYS A 80 -7.67 6.05 19.88
C LYS A 80 -7.19 4.64 19.59
N ALA A 81 -6.05 4.54 18.92
CA ALA A 81 -5.47 3.25 18.56
C ALA A 81 -4.85 2.56 19.77
N ARG A 82 -4.20 3.35 20.62
CA ARG A 82 -3.54 2.86 21.83
C ARG A 82 -3.29 4.08 22.72
N GLU A 83 -2.85 3.84 23.95
CA GLU A 83 -2.66 4.91 24.91
C GLU A 83 -1.53 5.88 24.53
N THR A 84 -0.34 5.35 24.31
CA THR A 84 0.80 6.18 23.92
C THR A 84 1.74 5.40 23.03
N TYR A 85 2.64 6.13 22.37
CA TYR A 85 3.69 5.51 21.56
C TYR A 85 5.05 5.64 22.25
N ASP A 86 5.03 5.77 23.57
CA ASP A 86 6.26 6.03 24.33
C ASP A 86 7.17 4.82 24.48
N ASN A 87 6.67 3.62 24.19
CA ASN A 87 7.42 2.40 24.48
C ASN A 87 7.66 1.49 23.28
N ILE A 88 7.83 2.09 22.11
CA ILE A 88 7.98 1.32 20.89
C ILE A 88 9.43 1.19 20.41
N SER A 89 10.38 1.75 21.15
CA SER A 89 11.75 1.88 20.65
C SER A 89 12.50 0.57 20.53
N GLU A 90 12.01 -0.48 21.21
CA GLU A 90 12.70 -1.76 21.24
C GLU A 90 12.21 -2.72 20.17
N ILE A 91 11.19 -2.33 19.42
CA ILE A 91 10.76 -3.09 18.25
C ILE A 91 11.97 -3.25 17.32
N LEU A 92 12.17 -4.44 16.78
CA LEU A 92 13.29 -4.67 15.87
C LEU A 92 12.87 -4.57 14.41
N ILE A 93 13.66 -3.84 13.64
CA ILE A 93 13.56 -3.86 12.19
C ILE A 93 14.66 -4.81 11.73
N ALA A 94 14.31 -6.07 11.52
CA ALA A 94 15.30 -7.11 11.23
C ALA A 94 16.05 -6.86 9.94
N THR A 95 15.37 -6.30 8.95
CA THR A 95 15.99 -6.09 7.65
C THR A 95 15.58 -4.74 7.07
N PRO A 96 16.21 -3.66 7.56
CA PRO A 96 15.95 -2.34 6.95
C PRO A 96 16.36 -2.38 5.48
N LEU A 97 15.63 -1.65 4.65
CA LEU A 97 15.87 -1.67 3.21
C LEU A 97 16.31 -0.30 2.70
N GLN A 98 17.48 -0.24 2.08
CA GLN A 98 17.94 0.99 1.47
C GLN A 98 17.40 1.07 0.05
N GLN A 99 16.68 2.14 -0.25
CA GLN A 99 15.96 2.24 -1.52
C GLN A 99 16.77 3.03 -2.54
N VAL A 100 17.47 2.31 -3.40
CA VAL A 100 18.42 2.91 -4.34
C VAL A 100 17.73 3.11 -5.70
N ALA A 101 17.74 4.34 -6.20
CA ALA A 101 17.03 4.67 -7.44
C ALA A 101 17.91 4.61 -8.69
N SER A 102 17.27 4.33 -9.82
CA SER A 102 17.93 4.38 -11.13
CA SER A 102 17.92 4.34 -11.12
C SER A 102 16.96 4.96 -12.13
N GLY A 103 17.46 5.87 -12.96
CA GLY A 103 16.62 6.46 -13.99
C GLY A 103 16.68 7.98 -13.99
N ARG A 104 15.54 8.60 -14.22
N ARG A 104 15.55 8.62 -14.28
CA ARG A 104 15.45 10.05 -14.22
CA ARG A 104 15.47 10.07 -14.25
C ARG A 104 14.57 10.50 -13.07
C ARG A 104 14.50 10.51 -13.15
N ALA A 105 14.53 11.79 -12.81
CA ALA A 105 13.84 12.30 -11.64
C ALA A 105 12.36 11.91 -11.61
N GLY A 106 11.71 11.95 -12.77
CA GLY A 106 10.30 11.64 -12.85
C GLY A 106 9.92 10.24 -13.30
N VAL A 107 10.91 9.44 -13.71
CA VAL A 107 10.68 8.08 -14.18
C VAL A 107 11.87 7.24 -13.73
N PHE A 108 11.68 6.45 -12.68
CA PHE A 108 12.79 5.71 -12.12
C PHE A 108 12.32 4.42 -11.51
N THR A 109 13.25 3.48 -11.33
CA THR A 109 12.98 2.31 -10.53
C THR A 109 13.79 2.39 -9.25
N GLN A 110 13.41 1.59 -8.26
CA GLN A 110 14.21 1.49 -7.05
C GLN A 110 14.42 0.02 -6.71
N TYR A 111 15.60 -0.28 -6.22
CA TYR A 111 15.83 -1.62 -5.70
C TYR A 111 16.14 -1.52 -4.23
N HIS A 112 15.93 -2.62 -3.54
CA HIS A 112 16.08 -2.64 -2.08
CA HIS A 112 16.10 -2.63 -2.09
C HIS A 112 17.34 -3.38 -1.66
N LYS A 113 18.26 -2.65 -1.07
CA LYS A 113 19.49 -3.21 -0.56
C LYS A 113 19.31 -3.49 0.93
N LYS A 114 19.52 -4.74 1.33
CA LYS A 114 19.35 -5.11 2.73
C LYS A 114 20.44 -4.52 3.60
N LYS A 115 20.05 -4.00 4.76
CA LYS A 115 20.98 -3.45 5.72
C LYS A 115 20.92 -4.25 7.01
N LYS A 116 21.88 -4.03 7.89
N LYS A 116 21.87 -3.99 7.89
CA LYS A 116 21.90 -4.72 9.18
CA LYS A 116 21.93 -4.62 9.21
C LYS A 116 20.75 -4.28 10.08
C LYS A 116 20.69 -4.29 10.05
N ALA A 117 20.31 -5.20 10.93
CA ALA A 117 19.17 -4.98 11.81
C ALA A 117 19.36 -3.77 12.72
N MET A 118 18.28 -3.09 13.04
N MET A 118 18.27 -3.05 12.98
CA MET A 118 18.31 -2.01 14.00
CA MET A 118 18.26 -1.94 13.92
C MET A 118 16.96 -1.88 14.69
C MET A 118 16.97 -1.99 14.74
N THR A 119 16.98 -1.37 15.91
CA THR A 119 15.74 -1.15 16.64
C THR A 119 15.04 0.09 16.09
N VAL A 120 13.77 0.23 16.42
CA VAL A 120 13.03 1.43 16.05
C VAL A 120 13.68 2.69 16.64
N GLY A 121 14.22 2.61 17.86
CA GLY A 121 14.91 3.74 18.46
C GLY A 121 16.11 4.16 17.62
N GLU A 122 16.89 3.17 17.18
CA GLU A 122 18.04 3.44 16.33
C GLU A 122 17.60 4.02 14.99
N TYR A 123 16.54 3.47 14.44
CA TYR A 123 16.02 3.91 13.14
C TYR A 123 15.53 5.35 13.22
N ARG A 124 14.80 5.69 14.29
CA ARG A 124 14.33 7.05 14.49
C ARG A 124 15.51 8.02 14.55
N HIS A 125 16.55 7.66 15.29
CA HIS A 125 17.74 8.50 15.36
C HIS A 125 18.36 8.69 13.97
N LEU A 126 18.44 7.62 13.18
CA LEU A 126 18.98 7.68 11.85
C LEU A 126 18.12 8.60 10.96
N ALA A 127 16.80 8.45 11.04
CA ALA A 127 15.89 9.26 10.26
C ALA A 127 16.08 10.75 10.54
N ASN A 128 16.40 11.08 11.79
CA ASN A 128 16.54 12.47 12.19
C ASN A 128 17.95 13.04 12.02
N SER A 129 18.88 12.21 11.56
CA SER A 129 20.25 12.65 11.36
C SER A 129 20.35 13.63 10.20
N LYS A 130 21.43 14.38 10.13
CA LYS A 130 21.56 15.36 9.04
C LYS A 130 21.46 14.72 7.65
N LYS A 131 21.99 13.51 7.51
CA LYS A 131 22.00 12.83 6.22
C LYS A 131 20.60 12.52 5.71
N TYR A 132 19.68 12.20 6.63
CA TYR A 132 18.38 11.66 6.25
C TYR A 132 17.17 12.52 6.61
N GLN A 133 17.37 13.56 7.41
N GLN A 133 17.37 13.56 7.41
CA GLN A 133 16.24 14.33 7.93
CA GLN A 133 16.25 14.33 7.92
C GLN A 133 15.52 15.15 6.84
C GLN A 133 15.52 15.16 6.85
N THR A 134 14.22 15.37 7.06
CA THR A 134 13.43 16.20 6.18
C THR A 134 14.05 17.59 6.08
N PRO A 135 14.14 18.14 4.86
CA PRO A 135 14.69 19.49 4.69
C PRO A 135 13.69 20.55 5.12
N PRO A 136 14.18 21.77 5.38
CA PRO A 136 13.26 22.89 5.61
C PRO A 136 12.31 23.03 4.42
N HIS A 137 11.05 23.35 4.68
CA HIS A 137 10.08 23.49 3.60
C HIS A 137 8.90 24.32 4.07
N GLN A 138 8.19 24.92 3.11
CA GLN A 138 7.13 25.88 3.42
C GLN A 138 5.80 25.22 3.76
N ASN A 139 5.51 24.13 3.07
CA ASN A 139 4.22 23.43 3.19
C ASN A 139 4.32 22.08 2.48
N PHE A 140 3.24 21.31 2.46
CA PHE A 140 3.26 19.99 1.82
C PHE A 140 3.61 20.08 0.33
N GLU A 141 3.11 21.12 -0.34
CA GLU A 141 3.35 21.27 -1.77
C GLU A 141 4.83 21.52 -2.08
N ASP A 142 5.46 22.33 -1.24
CA ASP A 142 6.88 22.62 -1.37
C ASP A 142 7.68 21.33 -1.15
N LEU A 143 7.29 20.56 -0.13
CA LEU A 143 8.00 19.31 0.13
C LEU A 143 7.81 18.32 -1.02
N GLU A 144 6.60 18.27 -1.58
CA GLU A 144 6.33 17.42 -2.75
C GLU A 144 7.23 17.78 -3.93
N ARG A 145 7.40 19.08 -4.19
N ARG A 145 7.40 19.08 -4.18
CA ARG A 145 8.30 19.51 -5.26
CA ARG A 145 8.29 19.55 -5.24
C ARG A 145 9.73 19.04 -5.00
C ARG A 145 9.72 19.06 -5.00
N LYS A 146 10.18 19.19 -3.76
CA LYS A 146 11.53 18.76 -3.39
C LYS A 146 11.68 17.25 -3.56
N TYR A 147 10.65 16.50 -3.17
CA TYR A 147 10.69 15.05 -3.32
C TYR A 147 10.93 14.66 -4.78
N TRP A 148 10.12 15.17 -5.70
CA TRP A 148 10.24 14.73 -7.09
C TRP A 148 11.47 15.28 -7.78
N LYS A 149 11.95 16.41 -7.32
CA LYS A 149 13.16 17.00 -7.87
CA LYS A 149 13.16 16.99 -7.88
C LYS A 149 14.39 16.20 -7.45
N ASN A 150 14.42 15.78 -6.19
CA ASN A 150 15.64 15.26 -5.57
C ASN A 150 15.67 13.80 -5.12
N ARG A 151 14.54 13.10 -5.18
CA ARG A 151 14.45 11.73 -4.65
C ARG A 151 15.57 10.83 -5.18
N ILE A 152 15.84 10.88 -6.48
CA ILE A 152 16.74 9.88 -7.05
C ILE A 152 18.18 10.02 -6.56
N TYR A 153 18.53 11.19 -6.03
CA TYR A 153 19.90 11.48 -5.64
C TYR A 153 20.21 11.03 -4.22
N ASN A 154 19.23 10.41 -3.56
CA ASN A 154 19.42 9.90 -2.20
C ASN A 154 18.92 8.47 -2.11
N SER A 155 19.33 7.77 -1.06
CA SER A 155 18.88 6.40 -0.85
C SER A 155 18.39 6.20 0.57
N PRO A 156 17.14 6.57 0.84
CA PRO A 156 16.60 6.48 2.19
C PRO A 156 16.43 5.02 2.61
N ILE A 157 16.33 4.80 3.91
CA ILE A 157 16.20 3.45 4.46
C ILE A 157 14.82 3.31 5.05
N TYR A 158 14.10 2.26 4.70
N TYR A 158 14.13 2.22 4.68
CA TYR A 158 12.80 2.10 5.29
CA TYR A 158 12.72 1.96 5.03
C TYR A 158 12.53 0.71 5.81
C TYR A 158 12.65 0.68 5.88
N GLY A 159 11.89 0.70 6.97
CA GLY A 159 11.59 -0.52 7.69
C GLY A 159 10.22 -1.00 7.30
N ALA A 160 10.15 -1.80 6.25
CA ALA A 160 8.86 -2.20 5.67
C ALA A 160 8.49 -3.64 5.96
N ASP A 161 7.19 -3.93 5.86
CA ASP A 161 6.69 -5.30 5.94
C ASP A 161 7.14 -6.04 7.20
N ILE A 162 6.97 -5.40 8.35
CA ILE A 162 7.32 -6.02 9.62
C ILE A 162 6.02 -6.57 10.23
N SER A 163 5.91 -7.89 10.34
N SER A 163 5.93 -7.88 10.36
CA SER A 163 4.69 -8.47 10.92
CA SER A 163 4.73 -8.50 10.94
C SER A 163 4.52 -7.99 12.36
C SER A 163 4.52 -8.02 12.38
N GLY A 164 3.34 -7.46 12.67
CA GLY A 164 3.05 -6.98 14.00
C GLY A 164 1.92 -5.97 14.01
N SER A 165 1.57 -5.50 15.20
CA SER A 165 0.50 -4.51 15.35
C SER A 165 0.80 -3.58 16.51
N LEU A 166 0.37 -2.32 16.39
CA LEU A 166 0.48 -1.36 17.48
C LEU A 166 -0.88 -0.98 18.03
N PHE A 167 -1.94 -1.66 17.58
CA PHE A 167 -3.26 -1.42 18.18
C PHE A 167 -3.35 -2.11 19.53
N ASP A 168 -3.86 -1.40 20.52
CA ASP A 168 -4.13 -1.97 21.83
C ASP A 168 -5.17 -3.07 21.66
N GLU A 169 -4.98 -4.20 22.35
CA GLU A 169 -5.93 -5.31 22.20
C GLU A 169 -7.34 -4.91 22.63
N ASN A 170 -7.44 -3.86 23.45
CA ASN A 170 -8.73 -3.39 23.94
C ASN A 170 -9.41 -2.38 23.01
N THR A 171 -8.73 -1.99 21.94
CA THR A 171 -9.33 -1.13 20.95
C THR A 171 -10.27 -1.96 20.08
N LYS A 172 -11.57 -1.71 20.20
CA LYS A 172 -12.56 -2.57 19.57
C LYS A 172 -12.95 -2.14 18.17
N GLN A 173 -12.74 -0.86 17.85
CA GLN A 173 -13.16 -0.31 16.58
C GLN A 173 -11.97 -0.10 15.66
N TRP A 174 -12.08 -0.59 14.43
CA TRP A 174 -11.06 -0.36 13.39
C TRP A 174 -9.66 -0.78 13.86
N ASN A 175 -9.62 -1.90 14.59
CA ASN A 175 -8.37 -2.50 15.02
C ASN A 175 -7.89 -3.39 13.89
N LEU A 176 -6.80 -3.01 13.24
CA LEU A 176 -6.35 -3.71 12.03
C LEU A 176 -5.89 -5.14 12.27
N GLY A 177 -5.69 -5.52 13.54
CA GLY A 177 -5.37 -6.90 13.88
C GLY A 177 -6.58 -7.75 14.22
N HIS A 178 -7.77 -7.14 14.17
CA HIS A 178 -9.00 -7.85 14.52
C HIS A 178 -10.04 -7.83 13.41
N LEU A 179 -9.61 -7.64 12.16
CA LEU A 179 -10.56 -7.65 11.05
C LEU A 179 -10.93 -9.05 10.63
N GLY A 180 -12.11 -9.20 10.04
CA GLY A 180 -12.48 -10.45 9.42
C GLY A 180 -11.46 -10.82 8.36
N THR A 181 -11.13 -12.11 8.28
CA THR A 181 -10.04 -12.53 7.39
C THR A 181 -10.52 -12.68 5.95
N ILE A 182 -9.59 -12.57 5.02
CA ILE A 182 -9.92 -12.77 3.61
CA ILE A 182 -9.93 -12.76 3.61
C ILE A 182 -10.33 -14.21 3.35
N GLN A 183 -9.72 -15.15 4.08
CA GLN A 183 -10.07 -16.56 3.93
C GLN A 183 -11.53 -16.79 4.35
N ASP A 184 -11.95 -16.14 5.43
CA ASP A 184 -13.34 -16.28 5.85
C ASP A 184 -14.30 -15.60 4.88
N LEU A 185 -13.87 -14.47 4.30
CA LEU A 185 -14.69 -13.80 3.29
C LEU A 185 -14.90 -14.72 2.10
N LEU A 186 -13.83 -15.31 1.59
N LEU A 186 -13.82 -15.32 1.61
CA LEU A 186 -13.95 -16.21 0.46
CA LEU A 186 -13.91 -16.20 0.46
C LEU A 186 -14.89 -17.35 0.79
C LEU A 186 -14.81 -17.40 0.77
N GLU A 187 -14.73 -17.91 1.99
CA GLU A 187 -15.58 -18.99 2.42
C GLU A 187 -17.05 -18.57 2.49
N LYS A 188 -17.32 -17.40 3.05
CA LYS A 188 -18.68 -16.89 3.16
C LYS A 188 -19.32 -16.67 1.80
N GLU A 189 -18.52 -16.17 0.85
CA GLU A 189 -19.05 -15.83 -0.46
C GLU A 189 -19.15 -17.02 -1.40
N CYS A 190 -18.18 -17.92 -1.33
N CYS A 190 -18.16 -17.91 -1.39
CA CYS A 190 -18.03 -18.95 -2.34
CA CYS A 190 -18.15 -18.98 -2.39
C CYS A 190 -18.19 -20.35 -1.79
C CYS A 190 -18.24 -20.38 -1.80
N GLY A 191 -18.29 -20.47 -0.46
CA GLY A 191 -18.52 -21.75 0.19
C GLY A 191 -17.33 -22.66 0.33
N VAL A 192 -16.16 -22.21 -0.10
CA VAL A 192 -14.95 -23.03 -0.04
CA VAL A 192 -14.97 -23.05 -0.01
C VAL A 192 -14.08 -22.64 1.16
N VAL A 193 -13.68 -23.62 1.95
CA VAL A 193 -12.80 -23.39 3.07
C VAL A 193 -11.37 -23.51 2.57
N ILE A 194 -10.53 -22.55 2.94
CA ILE A 194 -9.13 -22.58 2.50
C ILE A 194 -8.16 -22.31 3.64
N GLU A 195 -6.94 -22.82 3.49
CA GLU A 195 -5.84 -22.51 4.39
C GLU A 195 -5.40 -21.05 4.24
N GLY A 196 -4.64 -20.57 5.20
CA GLY A 196 -4.04 -19.26 5.11
C GLY A 196 -4.49 -18.35 6.23
N VAL A 197 -3.64 -17.36 6.50
CA VAL A 197 -3.91 -16.36 7.51
C VAL A 197 -3.52 -15.02 6.94
N ASN A 198 -3.93 -13.96 7.64
N ASN A 198 -4.07 -13.96 7.49
CA ASN A 198 -3.87 -12.58 7.16
CA ASN A 198 -3.57 -12.64 7.13
C ASN A 198 -3.63 -11.62 8.33
C ASN A 198 -3.54 -11.80 8.37
N THR A 199 -2.38 -11.19 8.57
CA THR A 199 -2.10 -10.36 9.73
C THR A 199 -1.48 -9.03 9.30
N PRO A 200 -1.50 -8.02 10.19
CA PRO A 200 -1.01 -6.70 9.78
C PRO A 200 0.51 -6.59 9.66
N TYR A 201 0.95 -5.55 8.97
N TYR A 201 0.95 -5.58 8.92
CA TYR A 201 2.36 -5.23 8.86
CA TYR A 201 2.35 -5.19 8.78
C TYR A 201 2.63 -3.79 9.28
C TYR A 201 2.58 -3.80 9.39
N LEU A 202 3.78 -3.59 9.92
CA LEU A 202 4.23 -2.27 10.33
C LEU A 202 5.23 -1.74 9.33
N TYR A 203 5.22 -0.42 9.15
CA TYR A 203 6.13 0.27 8.25
C TYR A 203 6.74 1.45 8.97
N PHE A 204 8.05 1.45 9.13
CA PHE A 204 8.73 2.60 9.72
C PHE A 204 9.41 3.34 8.59
N GLY A 205 9.06 4.61 8.41
CA GLY A 205 9.55 5.38 7.27
C GLY A 205 10.39 6.58 7.69
N MET A 206 11.04 7.16 6.71
CA MET A 206 11.79 8.40 6.89
C MET A 206 11.60 9.25 5.63
N TRP A 207 12.13 10.46 5.64
CA TRP A 207 12.03 11.33 4.47
C TRP A 207 12.47 10.60 3.21
N LYS A 208 11.65 10.72 2.17
CA LYS A 208 11.92 10.15 0.84
C LYS A 208 11.68 8.66 0.70
N THR A 209 11.40 7.94 1.78
CA THR A 209 11.00 6.54 1.68
CA THR A 209 11.06 6.53 1.60
C THR A 209 9.81 6.47 0.73
N THR A 210 9.82 5.49 -0.16
CA THR A 210 8.94 5.50 -1.30
C THR A 210 8.22 4.19 -1.48
N PHE A 211 6.92 4.26 -1.76
CA PHE A 211 6.21 3.07 -2.21
C PHE A 211 5.87 3.20 -3.70
N ALA A 212 6.33 2.22 -4.47
CA ALA A 212 6.20 2.20 -5.91
C ALA A 212 4.76 1.98 -6.37
N TRP A 213 4.48 2.30 -7.63
CA TRP A 213 3.15 2.09 -8.20
C TRP A 213 2.73 0.62 -8.14
N HIS A 214 1.58 0.36 -7.52
CA HIS A 214 1.10 -1.02 -7.43
C HIS A 214 -0.38 -1.06 -7.09
N THR A 215 -1.01 -2.19 -7.39
CA THR A 215 -2.24 -2.57 -6.73
C THR A 215 -1.91 -3.66 -5.70
N GLU A 216 -2.86 -4.00 -4.85
CA GLU A 216 -2.58 -5.03 -3.85
C GLU A 216 -2.54 -6.41 -4.48
N ASP A 217 -1.95 -7.37 -3.76
CA ASP A 217 -2.07 -8.75 -4.16
C ASP A 217 -3.57 -8.99 -4.25
N MET A 218 -3.73 -9.65 -5.40
N MET A 218 -3.79 -9.65 -5.39
CA MET A 218 -4.94 -10.24 -5.91
CA MET A 218 -5.04 -10.25 -5.85
C MET A 218 -5.93 -9.13 -6.10
C MET A 218 -5.98 -9.12 -6.14
N ASP A 219 -5.41 -7.94 -6.42
CA ASP A 219 -6.28 -6.75 -6.33
C ASP A 219 -7.22 -6.60 -5.11
N LEU A 220 -6.71 -6.97 -3.94
CA LEU A 220 -7.42 -6.80 -2.69
C LEU A 220 -7.56 -5.33 -2.27
N TYR A 221 -8.40 -5.07 -1.28
CA TYR A 221 -8.36 -3.77 -0.61
C TYR A 221 -7.14 -3.73 0.29
N SER A 222 -6.75 -2.53 0.67
CA SER A 222 -5.85 -2.37 1.81
CA SER A 222 -5.83 -2.35 1.80
C SER A 222 -6.37 -1.27 2.72
N ILE A 223 -5.99 -1.33 3.97
CA ILE A 223 -6.27 -0.25 4.91
C ILE A 223 -4.96 0.05 5.63
N ASN A 224 -4.69 1.34 5.79
CA ASN A 224 -3.43 1.83 6.31
C ASN A 224 -3.71 2.87 7.37
N TYR A 225 -3.19 2.65 8.57
CA TYR A 225 -3.32 3.61 9.66
C TYR A 225 -1.95 4.24 9.95
N LEU A 226 -1.88 5.57 9.92
CA LEU A 226 -0.63 6.25 10.26
C LEU A 226 -0.61 6.50 11.76
N HIS A 227 0.12 5.64 12.47
CA HIS A 227 0.14 5.68 13.93
C HIS A 227 0.79 6.93 14.51
N LEU A 228 1.90 7.36 13.91
N LEU A 228 1.90 7.35 13.92
CA LEU A 228 2.79 8.30 14.56
CA LEU A 228 2.69 8.40 14.51
C LEU A 228 3.73 8.96 13.56
C LEU A 228 3.61 9.02 13.49
N GLY A 229 4.04 10.24 13.79
CA GLY A 229 5.08 10.90 13.03
C GLY A 229 4.63 11.75 11.88
N GLU A 230 5.51 11.87 10.90
CA GLU A 230 5.31 12.79 9.79
C GLU A 230 4.40 12.19 8.73
N PRO A 231 3.86 13.04 7.84
CA PRO A 231 2.85 12.55 6.90
C PRO A 231 3.34 11.59 5.83
N LYS A 232 2.36 11.05 5.11
CA LYS A 232 2.59 10.19 3.96
CA LYS A 232 2.62 10.24 3.93
C LYS A 232 1.75 10.76 2.81
N THR A 233 2.38 11.09 1.67
CA THR A 233 1.63 11.55 0.51
C THR A 233 1.35 10.39 -0.44
N TRP A 234 0.11 10.32 -0.90
CA TRP A 234 -0.37 9.26 -1.77
C TRP A 234 -0.76 9.80 -3.14
N TYR A 235 -0.51 8.99 -4.17
CA TYR A 235 -1.03 9.20 -5.52
C TYR A 235 -1.85 7.98 -5.89
N VAL A 236 -2.94 8.18 -6.62
CA VAL A 236 -3.84 7.04 -6.93
C VAL A 236 -4.50 7.22 -8.29
N VAL A 237 -4.60 6.12 -9.03
CA VAL A 237 -5.33 6.11 -10.30
C VAL A 237 -6.67 5.40 -10.10
N PRO A 238 -7.77 6.02 -10.55
CA PRO A 238 -9.08 5.34 -10.43
C PRO A 238 -9.04 3.93 -11.01
N PRO A 239 -9.65 2.95 -10.32
CA PRO A 239 -9.66 1.59 -10.85
C PRO A 239 -10.16 1.49 -12.30
N GLU A 240 -11.14 2.30 -12.68
CA GLU A 240 -11.67 2.20 -14.03
C GLU A 240 -10.63 2.64 -15.08
N HIS A 241 -9.54 3.27 -14.64
CA HIS A 241 -8.49 3.74 -15.54
C HIS A 241 -7.13 3.08 -15.31
N GLY A 242 -7.11 2.00 -14.53
CA GLY A 242 -5.86 1.33 -14.22
C GLY A 242 -5.08 0.90 -15.44
N GLN A 243 -5.78 0.45 -16.48
CA GLN A 243 -5.09 -0.01 -17.68
CA GLN A 243 -5.13 -0.01 -17.70
C GLN A 243 -4.34 1.11 -18.39
N ARG A 244 -4.80 2.35 -18.22
CA ARG A 244 -4.08 3.49 -18.79
C ARG A 244 -2.71 3.64 -18.12
N LEU A 245 -2.66 3.45 -16.80
CA LEU A 245 -1.38 3.49 -16.11
C LEU A 245 -0.49 2.34 -16.57
N GLU A 246 -1.07 1.15 -16.71
CA GLU A 246 -0.30 0.00 -17.17
C GLU A 246 0.32 0.23 -18.54
N ARG A 247 -0.45 0.80 -19.46
CA ARG A 247 0.06 1.07 -20.80
C ARG A 247 1.22 2.07 -20.77
N LEU A 248 1.08 3.13 -19.98
CA LEU A 248 2.17 4.09 -19.85
C LEU A 248 3.40 3.43 -19.23
N ALA A 249 3.20 2.62 -18.19
CA ALA A 249 4.31 1.94 -17.56
C ALA A 249 5.07 1.06 -18.56
N ARG A 250 4.34 0.38 -19.44
N ARG A 250 4.34 0.36 -19.43
CA ARG A 250 4.99 -0.46 -20.46
CA ARG A 250 4.99 -0.46 -20.44
C ARG A 250 5.83 0.36 -21.41
C ARG A 250 5.86 0.39 -21.38
N GLU A 251 5.37 1.57 -21.71
CA GLU A 251 6.13 2.48 -22.57
C GLU A 251 7.38 3.02 -21.86
N LEU A 252 7.24 3.33 -20.57
CA LEU A 252 8.33 3.97 -19.83
C LEU A 252 9.39 3.02 -19.29
N PHE A 253 9.02 1.76 -19.13
CA PHE A 253 9.94 0.74 -18.63
C PHE A 253 9.94 -0.44 -19.60
N PRO A 254 10.45 -0.22 -20.81
CA PRO A 254 10.25 -1.21 -21.88
C PRO A 254 10.94 -2.55 -21.62
N GLY A 255 12.17 -2.55 -21.10
CA GLY A 255 12.82 -3.80 -20.76
C GLY A 255 12.05 -4.58 -19.71
N SER A 256 11.58 -3.89 -18.68
CA SER A 256 10.85 -4.55 -17.60
C SER A 256 9.58 -5.20 -18.14
N SER A 257 8.93 -4.49 -19.06
CA SER A 257 7.70 -4.99 -19.65
C SER A 257 7.93 -6.25 -20.47
N ARG A 258 9.02 -6.30 -21.22
CA ARG A 258 9.35 -7.50 -21.98
C ARG A 258 9.61 -8.69 -21.06
N GLY A 259 10.16 -8.42 -19.89
CA GLY A 259 10.50 -9.47 -18.94
C GLY A 259 9.31 -10.07 -18.21
N CYS A 260 8.24 -9.28 -18.07
CA CYS A 260 7.07 -9.72 -17.31
C CYS A 260 5.81 -8.96 -17.70
N GLY A 261 4.75 -9.70 -17.98
CA GLY A 261 3.48 -9.12 -18.40
C GLY A 261 2.74 -8.39 -17.29
N ALA A 262 3.23 -8.53 -16.07
CA ALA A 262 2.66 -7.85 -14.91
C ALA A 262 3.76 -7.26 -14.03
N PHE A 263 4.72 -6.58 -14.64
CA PHE A 263 5.90 -6.16 -13.89
C PHE A 263 5.62 -5.13 -12.79
N LEU A 264 4.48 -4.45 -12.84
CA LEU A 264 4.18 -3.54 -11.74
C LEU A 264 4.01 -4.31 -10.42
N ARG A 265 3.71 -5.61 -10.52
CA ARG A 265 3.65 -6.50 -9.36
C ARG A 265 5.00 -6.57 -8.65
N HIS A 266 6.08 -6.17 -9.32
CA HIS A 266 7.40 -6.20 -8.70
C HIS A 266 7.56 -5.05 -7.72
N LYS A 267 6.69 -4.06 -7.82
CA LYS A 267 6.68 -2.92 -6.92
C LYS A 267 8.02 -2.18 -6.87
N VAL A 268 8.51 -1.79 -8.06
CA VAL A 268 9.77 -1.05 -8.14
C VAL A 268 9.71 0.19 -9.02
N ALA A 269 8.58 0.46 -9.68
CA ALA A 269 8.51 1.54 -10.67
C ALA A 269 7.86 2.81 -10.12
N LEU A 270 8.51 3.94 -10.36
CA LEU A 270 7.95 5.25 -9.99
C LEU A 270 7.78 6.14 -11.21
N ILE A 271 6.66 6.85 -11.24
CA ILE A 271 6.34 7.82 -12.26
C ILE A 271 5.76 9.01 -11.54
N SER A 272 6.31 10.20 -11.82
CA SER A 272 5.91 11.42 -11.10
C SER A 272 4.56 11.96 -11.56
N PRO A 273 3.92 12.80 -10.73
CA PRO A 273 2.66 13.41 -11.17
C PRO A 273 2.83 14.26 -12.43
N THR A 274 3.99 14.90 -12.59
CA THR A 274 4.24 15.68 -13.80
C THR A 274 4.20 14.79 -15.04
N VAL A 275 4.85 13.64 -14.97
CA VAL A 275 4.86 12.72 -16.10
C VAL A 275 3.47 12.13 -16.34
N LEU A 276 2.73 11.81 -15.28
CA LEU A 276 1.37 11.34 -15.43
C LEU A 276 0.52 12.39 -16.16
N LYS A 277 0.62 13.65 -15.74
CA LYS A 277 -0.13 14.72 -16.38
CA LYS A 277 -0.13 14.72 -16.38
C LYS A 277 0.26 14.88 -17.84
N GLU A 278 1.56 14.81 -18.13
CA GLU A 278 2.03 14.95 -19.51
C GLU A 278 1.44 13.89 -20.42
N ASN A 279 1.14 12.73 -19.84
CA ASN A 279 0.62 11.60 -20.60
C ASN A 279 -0.88 11.38 -20.44
N GLY A 280 -1.56 12.35 -19.82
CA GLY A 280 -3.01 12.32 -19.72
C GLY A 280 -3.55 11.21 -18.84
N ILE A 281 -2.76 10.73 -17.88
CA ILE A 281 -3.24 9.68 -16.99
C ILE A 281 -4.08 10.28 -15.88
N PRO A 282 -5.33 9.82 -15.72
CA PRO A 282 -6.15 10.33 -14.63
C PRO A 282 -5.60 9.87 -13.27
N PHE A 283 -5.42 10.80 -12.34
CA PHE A 283 -4.95 10.44 -11.01
C PHE A 283 -5.34 11.52 -10.01
N ASN A 284 -5.22 11.19 -8.73
CA ASN A 284 -5.42 12.17 -7.67
C ASN A 284 -4.32 12.01 -6.64
N ARG A 285 -4.23 12.98 -5.74
CA ARG A 285 -3.23 12.93 -4.68
C ARG A 285 -3.82 13.43 -3.38
N ILE A 286 -3.28 12.96 -2.27
CA ILE A 286 -3.72 13.42 -0.96
C ILE A 286 -2.63 13.11 0.05
N THR A 287 -2.54 13.90 1.10
CA THR A 287 -1.58 13.65 2.17
C THR A 287 -2.29 13.16 3.42
N GLN A 288 -1.83 12.02 3.93
CA GLN A 288 -2.33 11.38 5.14
C GLN A 288 -1.49 11.84 6.31
N GLU A 289 -2.14 12.21 7.41
CA GLU A 289 -1.44 12.64 8.60
C GLU A 289 -1.66 11.64 9.74
N ALA A 290 -0.84 11.75 10.78
CA ALA A 290 -0.93 10.83 11.91
C ALA A 290 -2.34 10.83 12.48
N GLY A 291 -2.85 9.65 12.78
CA GLY A 291 -4.20 9.50 13.31
C GLY A 291 -5.27 9.26 12.27
N GLU A 292 -4.87 9.16 11.00
CA GLU A 292 -5.82 8.98 9.91
C GLU A 292 -5.66 7.63 9.23
N PHE A 293 -6.78 7.06 8.79
CA PHE A 293 -6.79 5.85 7.98
C PHE A 293 -6.91 6.19 6.50
N MET A 294 -6.27 5.39 5.67
CA MET A 294 -6.53 5.40 4.23
C MET A 294 -6.98 4.00 3.84
N VAL A 295 -7.95 3.92 2.94
CA VAL A 295 -8.35 2.64 2.35
C VAL A 295 -8.07 2.68 0.86
N THR A 296 -7.37 1.68 0.34
CA THR A 296 -7.27 1.51 -1.10
C THR A 296 -8.25 0.45 -1.54
N PHE A 297 -8.84 0.68 -2.71
CA PHE A 297 -9.90 -0.17 -3.23
C PHE A 297 -9.36 -1.08 -4.31
N PRO A 298 -10.06 -2.20 -4.57
CA PRO A 298 -9.58 -3.17 -5.56
C PRO A 298 -9.17 -2.52 -6.89
N TYR A 299 -7.95 -2.83 -7.31
CA TYR A 299 -7.41 -2.38 -8.59
C TYR A 299 -7.17 -0.87 -8.63
N GLY A 300 -7.04 -0.25 -7.46
CA GLY A 300 -6.65 1.15 -7.39
C GLY A 300 -5.13 1.25 -7.27
N TYR A 301 -4.46 1.58 -8.38
CA TYR A 301 -3.01 1.75 -8.36
C TYR A 301 -2.65 2.93 -7.47
N HIS A 302 -1.65 2.73 -6.62
CA HIS A 302 -1.19 3.80 -5.76
C HIS A 302 0.32 3.79 -5.60
N ALA A 303 0.86 4.95 -5.23
CA ALA A 303 2.28 5.14 -4.97
C ALA A 303 2.38 6.31 -4.00
N GLY A 304 3.55 6.52 -3.42
CA GLY A 304 3.70 7.66 -2.54
C GLY A 304 5.01 7.72 -1.80
N PHE A 305 5.09 8.63 -0.84
CA PHE A 305 6.34 8.83 -0.11
C PHE A 305 6.07 9.36 1.29
N ASN A 306 7.02 9.11 2.18
CA ASN A 306 6.94 9.62 3.54
C ASN A 306 7.68 10.95 3.71
N HIS A 307 7.13 11.82 4.55
CA HIS A 307 7.67 13.15 4.75
C HIS A 307 8.84 13.19 5.73
N GLY A 308 8.96 12.18 6.58
CA GLY A 308 9.92 12.15 7.67
C GLY A 308 9.65 10.91 8.50
N PHE A 309 10.28 10.81 9.68
CA PHE A 309 10.09 9.62 10.51
C PHE A 309 8.61 9.38 10.79
N ASN A 310 8.15 8.17 10.53
CA ASN A 310 6.78 7.80 10.85
C ASN A 310 6.62 6.31 11.01
N CYS A 311 5.44 5.91 11.45
CA CYS A 311 5.10 4.51 11.57
C CYS A 311 3.66 4.32 11.13
N ALA A 312 3.46 3.41 10.18
CA ALA A 312 2.15 3.06 9.70
C ALA A 312 1.92 1.57 9.89
N GLU A 313 0.65 1.18 9.97
CA GLU A 313 0.27 -0.23 10.03
C GLU A 313 -0.74 -0.47 8.92
N ALA A 314 -0.60 -1.57 8.20
CA ALA A 314 -1.49 -1.85 7.09
C ALA A 314 -1.80 -3.32 6.97
N ILE A 315 -2.95 -3.61 6.36
CA ILE A 315 -3.34 -4.99 6.12
C ILE A 315 -4.26 -5.04 4.91
N ASN A 316 -4.25 -6.15 4.19
CA ASN A 316 -5.23 -6.38 3.14
C ASN A 316 -6.54 -6.92 3.70
N PHE A 317 -7.64 -6.60 3.03
CA PHE A 317 -8.93 -7.16 3.39
C PHE A 317 -9.79 -7.29 2.14
N ALA A 318 -10.90 -8.01 2.29
CA ALA A 318 -11.81 -8.26 1.19
C ALA A 318 -13.25 -7.96 1.60
N THR A 319 -14.10 -7.76 0.60
CA THR A 319 -15.54 -7.64 0.76
C THR A 319 -16.16 -8.45 -0.36
N PRO A 320 -17.49 -8.62 -0.35
CA PRO A 320 -18.09 -9.36 -1.47
C PRO A 320 -17.77 -8.75 -2.84
N ARG A 321 -17.68 -7.42 -2.93
CA ARG A 321 -17.39 -6.78 -4.20
C ARG A 321 -15.99 -7.11 -4.73
N TRP A 322 -15.07 -7.47 -3.84
CA TRP A 322 -13.73 -7.83 -4.27
C TRP A 322 -13.66 -9.09 -5.13
N ILE A 323 -14.57 -10.03 -4.91
CA ILE A 323 -14.41 -11.35 -5.51
C ILE A 323 -14.19 -11.27 -7.03
N ASP A 324 -14.98 -10.45 -7.72
CA ASP A 324 -14.82 -10.31 -9.16
C ASP A 324 -13.47 -9.72 -9.57
N TYR A 325 -12.92 -8.84 -8.75
CA TYR A 325 -11.58 -8.32 -9.00
C TYR A 325 -10.52 -9.41 -8.79
N GLY A 326 -10.67 -10.19 -7.72
CA GLY A 326 -9.72 -11.27 -7.48
C GLY A 326 -9.66 -12.25 -8.64
N LYS A 327 -10.82 -12.55 -9.23
CA LYS A 327 -10.91 -13.47 -10.36
C LYS A 327 -10.16 -12.97 -11.58
N MET A 328 -10.05 -11.65 -11.70
CA MET A 328 -9.50 -11.02 -12.90
C MET A 328 -8.09 -10.47 -12.70
N ALA A 329 -7.57 -10.57 -11.48
CA ALA A 329 -6.27 -9.96 -11.16
C ALA A 329 -5.16 -10.52 -12.03
N SER A 330 -4.31 -9.63 -12.54
N SER A 330 -4.32 -9.62 -12.54
CA SER A 330 -3.16 -10.05 -13.35
CA SER A 330 -3.13 -10.02 -13.26
C SER A 330 -1.98 -10.47 -12.47
C SER A 330 -2.21 -10.73 -12.29
N GLN A 331 -1.33 -11.58 -12.81
CA GLN A 331 -0.31 -12.17 -11.97
C GLN A 331 1.08 -12.09 -12.59
N CYS A 332 2.07 -11.93 -11.72
CA CYS A 332 3.46 -12.10 -12.10
C CYS A 332 3.82 -13.58 -12.02
N SER A 333 4.34 -14.12 -13.11
CA SER A 333 4.80 -15.50 -13.13
C SER A 333 6.29 -15.58 -13.49
N CYS A 334 6.96 -14.43 -13.57
CA CYS A 334 8.37 -14.41 -13.96
C CYS A 334 9.27 -14.75 -12.79
N GLY A 335 8.71 -14.75 -11.59
CA GLY A 335 9.46 -15.10 -10.39
C GLY A 335 9.88 -13.93 -9.54
N GLU A 336 9.79 -12.73 -10.07
CA GLU A 336 10.23 -11.56 -9.33
C GLU A 336 9.31 -11.21 -8.15
N ALA A 337 8.01 -11.29 -8.38
CA ALA A 337 7.03 -10.86 -7.39
C ALA A 337 7.17 -11.54 -6.03
N ARG A 338 7.10 -12.87 -6.01
CA ARG A 338 7.26 -13.64 -4.78
C ARG A 338 6.30 -13.20 -3.67
N VAL A 339 5.17 -13.91 -3.55
CA VAL A 339 4.11 -13.47 -2.64
C VAL A 339 3.91 -14.42 -1.46
N THR A 340 3.15 -13.96 -0.47
CA THR A 340 2.84 -14.71 0.74
C THR A 340 2.18 -16.05 0.44
N PHE A 341 2.32 -17.04 1.30
N PHE A 341 2.38 -16.96 1.39
CA PHE A 341 1.69 -18.31 0.97
CA PHE A 341 1.78 -18.28 1.45
C PHE A 341 0.17 -18.26 1.08
C PHE A 341 0.28 -18.26 1.16
N SER A 342 -0.34 -17.14 1.61
N SER A 342 -0.40 -17.27 1.69
CA SER A 342 -1.78 -16.94 1.70
CA SER A 342 -1.86 -17.22 1.60
C SER A 342 -2.37 -16.75 0.30
C SER A 342 -2.37 -16.94 0.20
N MET A 343 -1.54 -16.34 -0.64
CA MET A 343 -1.98 -16.07 -2.01
C MET A 343 -2.23 -17.34 -2.81
N ASP A 344 -1.56 -18.43 -2.44
CA ASP A 344 -1.74 -19.69 -3.15
C ASP A 344 -3.19 -20.06 -3.30
N ALA A 345 -3.92 -20.08 -2.19
CA ALA A 345 -5.31 -20.49 -2.21
C ALA A 345 -6.17 -19.56 -3.04
N PHE A 346 -5.86 -18.26 -2.99
N PHE A 346 -5.85 -18.27 -3.04
CA PHE A 346 -6.62 -17.29 -3.77
CA PHE A 346 -6.67 -17.33 -3.80
C PHE A 346 -6.53 -17.59 -5.27
C PHE A 346 -6.51 -17.51 -5.31
N VAL A 347 -5.30 -17.82 -5.75
CA VAL A 347 -5.07 -18.13 -7.15
C VAL A 347 -5.69 -19.49 -7.48
N ARG A 348 -5.48 -20.46 -6.59
CA ARG A 348 -5.95 -21.82 -6.81
C ARG A 348 -7.47 -21.88 -7.00
N ILE A 349 -8.20 -21.15 -6.17
CA ILE A 349 -9.66 -21.18 -6.22
C ILE A 349 -10.23 -20.19 -7.24
N LEU A 350 -9.71 -18.97 -7.27
CA LEU A 350 -10.30 -17.95 -8.14
C LEU A 350 -9.78 -17.97 -9.57
N GLN A 351 -8.57 -18.49 -9.76
N GLN A 351 -8.56 -18.46 -9.76
CA GLN A 351 -7.93 -18.48 -11.08
CA GLN A 351 -7.97 -18.50 -11.10
C GLN A 351 -7.30 -19.84 -11.43
C GLN A 351 -7.30 -19.84 -11.36
N PRO A 352 -8.11 -20.91 -11.39
CA PRO A 352 -7.53 -22.24 -11.58
C PRO A 352 -6.75 -22.41 -12.88
N GLU A 353 -7.14 -21.73 -13.96
CA GLU A 353 -6.38 -21.84 -15.22
CA GLU A 353 -6.37 -21.86 -15.20
C GLU A 353 -4.96 -21.29 -15.07
N ARG A 354 -4.82 -20.23 -14.30
CA ARG A 354 -3.52 -19.58 -14.13
C ARG A 354 -2.65 -20.24 -13.10
N TYR A 355 -3.26 -21.07 -12.26
CA TYR A 355 -2.59 -21.60 -11.07
C TYR A 355 -1.25 -22.31 -11.35
N ASP A 356 -1.25 -23.25 -12.29
CA ASP A 356 -0.03 -23.99 -12.60
CA ASP A 356 -0.03 -24.00 -12.63
C ASP A 356 1.13 -23.08 -12.99
N LEU A 357 0.89 -22.16 -13.92
CA LEU A 357 1.91 -21.23 -14.39
C LEU A 357 2.40 -20.32 -13.27
N TRP A 358 1.46 -19.80 -12.47
CA TRP A 358 1.80 -18.91 -11.37
C TRP A 358 2.65 -19.64 -10.33
N LYS A 359 2.24 -20.85 -9.97
CA LYS A 359 2.93 -21.61 -8.93
C LYS A 359 4.35 -21.95 -9.35
N ARG A 360 4.56 -22.13 -10.65
CA ARG A 360 5.91 -22.36 -11.17
C ARG A 360 6.76 -21.13 -10.92
N GLY A 361 6.12 -19.96 -10.88
CA GLY A 361 6.81 -18.71 -10.61
C GLY A 361 7.28 -18.60 -9.17
N GLN A 362 6.47 -19.11 -8.25
CA GLN A 362 6.81 -19.09 -6.83
C GLN A 362 8.00 -20.01 -6.54
N ASP A 363 8.14 -21.05 -7.36
CA ASP A 363 9.22 -22.01 -7.20
C ASP A 363 10.26 -21.86 -8.32
#